data_7XMN
#
_entry.id   7XMN
#
_cell.length_a   140.088
_cell.length_b   146.693
_cell.length_c   74.718
_cell.angle_alpha   90.000
_cell.angle_beta   90.000
_cell.angle_gamma   90.000
#
_symmetry.space_group_name_H-M   'C 2 2 21'
#
loop_
_entity.id
_entity.type
_entity.pdbx_description
1 polymer 'Maltodextrin-binding protein'
2 polymer 'ORF8 protein'
3 branched alpha-D-glucopyranose-(1-4)-alpha-D-glucopyranose
4 non-polymer '2-(N-MORPHOLINO)-ETHANESULFONIC ACID'
5 non-polymer 'SULFATE ION'
6 non-polymer 2-acetamido-2-deoxy-beta-D-glucopyranose
7 non-polymer NOR-N-OMEGA-HYDROXY-L-ARGININE
8 water water
#
loop_
_entity_poly.entity_id
_entity_poly.type
_entity_poly.pdbx_seq_one_letter_code
_entity_poly.pdbx_strand_id
1 'polypeptide(L)'
;KTEEGKLVIWINGDKGYNGLAEVGKKFEKDTGIKVTVEHPDKLEEKFPQVAATGDGPDIIFWAHDRFGGYAQSGLLAEIT
PAAAFQDKLYPFTWDAVRYNGKLIAYPIAVEALSLIYNKDLLPNPPKTWEEIPALDKELKAKGKSALMFNLQEPYFTWPL
IAADGGYAFKYAAGKYDIKDVGVDNAGAKAGLTFLVDLIKNKHMNADTDYSIAEHAFNHGETAMTINGPWAWSNIDTSAV
NYGVTVLPTFKGQPSKPFVGVLSAGINAASPNKELAKEFLENYLLTDEGLEAVNKDKPLGAVALKSYEEELVKDPRVAAT
MENAQKGEIMPNIPQMSAFWYAVRTAVINAASGRQTVDAALAAAQTNAAA
;
A
2 'polypeptide(L)'
;FHQECSLQSCTQHQPYVVDDPCPIHFYSKWYIRVGARKSAPLIELCVDEAGSKSPIQYIDIGNYTVSCLPFTINCQEPKL
GSLVVRCSFYEDFLEYHDVRVVLDFI
;
B
#
loop_
_chem_comp.id
_chem_comp.type
_chem_comp.name
_chem_comp.formula
GLC D-saccharide, alpha linking alpha-D-glucopyranose 'C6 H12 O6'
MES non-polymer '2-(N-MORPHOLINO)-ETHANESULFONIC ACID' 'C6 H13 N O4 S'
NAG D-saccharide, beta linking 2-acetamido-2-deoxy-beta-D-glucopyranose 'C8 H15 N O6'
SO4 non-polymer 'SULFATE ION' 'O4 S -2'
#
# COMPACT_ATOMS: atom_id res chain seq x y z
N GLU A 4 6.55 -27.11 12.53
CA GLU A 4 7.53 -26.39 13.33
C GLU A 4 7.10 -26.32 14.79
N GLY A 5 5.81 -26.18 15.04
CA GLY A 5 5.30 -26.05 16.38
C GLY A 5 5.55 -24.72 17.03
N LYS A 6 5.70 -23.66 16.23
CA LYS A 6 6.05 -22.33 16.74
C LYS A 6 5.36 -21.30 15.85
N LEU A 7 5.09 -20.13 16.43
CA LEU A 7 4.45 -19.04 15.70
C LEU A 7 5.40 -17.85 15.68
N VAL A 8 5.73 -17.39 14.47
CA VAL A 8 6.52 -16.18 14.26
C VAL A 8 5.62 -15.13 13.63
N ILE A 9 5.64 -13.92 14.17
CA ILE A 9 4.75 -12.85 13.76
C ILE A 9 5.58 -11.62 13.39
N TRP A 10 5.25 -11.00 12.26
CA TRP A 10 5.87 -9.76 11.82
C TRP A 10 4.86 -8.63 11.86
N ILE A 11 5.22 -7.54 12.55
CA ILE A 11 4.35 -6.37 12.65
C ILE A 11 5.23 -5.14 12.76
N ASN A 12 4.73 -4.02 12.22
CA ASN A 12 5.48 -2.77 12.22
C ASN A 12 5.93 -2.38 13.62
N GLY A 13 7.01 -1.60 13.70
CA GLY A 13 7.59 -1.23 14.98
C GLY A 13 6.87 -0.11 15.72
N ASP A 14 6.10 0.70 15.01
CA ASP A 14 5.34 1.77 15.65
C ASP A 14 4.05 1.29 16.28
N LYS A 15 3.72 0.01 16.16
CA LYS A 15 2.54 -0.57 16.77
C LYS A 15 2.94 -1.28 18.06
N GLY A 16 1.93 -1.68 18.84
CA GLY A 16 2.18 -2.27 20.14
C GLY A 16 2.59 -3.73 20.10
N TYR A 17 3.84 -3.99 19.73
CA TYR A 17 4.29 -5.37 19.61
C TYR A 17 4.52 -6.04 20.96
N ASN A 18 4.76 -5.27 22.02
CA ASN A 18 4.89 -5.86 23.35
C ASN A 18 3.54 -6.36 23.85
N GLY A 19 2.47 -5.60 23.61
CA GLY A 19 1.15 -6.08 23.94
C GLY A 19 0.76 -7.30 23.13
N LEU A 20 1.11 -7.30 21.84
CA LEU A 20 0.86 -8.49 21.02
C LEU A 20 1.61 -9.70 21.56
N ALA A 21 2.82 -9.50 22.08
CA ALA A 21 3.57 -10.61 22.66
C ALA A 21 2.90 -11.11 23.94
N GLU A 22 2.22 -10.23 24.68
CA GLU A 22 1.46 -10.69 25.84
C GLU A 22 0.33 -11.63 25.42
N VAL A 23 -0.36 -11.31 24.32
CA VAL A 23 -1.33 -12.25 23.78
C VAL A 23 -0.63 -13.52 23.30
N GLY A 24 0.64 -13.41 22.92
CA GLY A 24 1.43 -14.56 22.53
C GLY A 24 1.85 -15.40 23.72
N LYS A 25 2.20 -14.75 24.82
CA LYS A 25 2.50 -15.49 26.05
C LYS A 25 1.29 -16.30 26.49
N LYS A 26 0.12 -15.65 26.57
CA LYS A 26 -1.09 -16.36 26.96
C LYS A 26 -1.40 -17.52 26.02
N PHE A 27 -1.17 -17.34 24.72
CA PHE A 27 -1.29 -18.46 23.79
C PHE A 27 -0.31 -19.56 24.13
N GLU A 28 0.89 -19.18 24.60
CA GLU A 28 1.89 -20.16 24.98
C GLU A 28 1.50 -20.89 26.26
N LYS A 29 0.87 -20.19 27.21
CA LYS A 29 0.42 -20.85 28.43
C LYS A 29 -0.66 -21.89 28.15
N ASP A 30 -1.51 -21.63 27.16
CA ASP A 30 -2.63 -22.53 26.88
C ASP A 30 -2.25 -23.68 25.96
N THR A 31 -1.23 -23.52 25.12
CA THR A 31 -0.90 -24.52 24.12
C THR A 31 0.54 -24.99 24.15
N GLY A 32 1.44 -24.30 24.86
CA GLY A 32 2.85 -24.64 24.81
C GLY A 32 3.55 -24.18 23.55
N ILE A 33 2.85 -23.56 22.62
CA ILE A 33 3.43 -23.08 21.37
C ILE A 33 3.97 -21.68 21.61
N LYS A 34 5.29 -21.54 21.52
CA LYS A 34 5.91 -20.23 21.70
C LYS A 34 5.55 -19.31 20.56
N VAL A 35 5.21 -18.07 20.90
CA VAL A 35 4.85 -17.05 19.92
C VAL A 35 5.91 -15.96 19.95
N THR A 36 6.57 -15.75 18.81
CA THR A 36 7.65 -14.79 18.70
C THR A 36 7.20 -13.61 17.85
N VAL A 37 7.35 -12.41 18.38
CA VAL A 37 6.94 -11.18 17.70
C VAL A 37 8.18 -10.38 17.34
N GLU A 38 8.31 -10.04 16.06
CA GLU A 38 9.43 -9.27 15.55
C GLU A 38 8.90 -8.09 14.74
N HIS A 39 9.69 -7.02 14.69
CA HIS A 39 9.34 -5.80 13.97
C HIS A 39 10.46 -5.38 13.05
N PRO A 40 10.75 -6.17 12.01
CA PRO A 40 11.80 -5.80 11.06
C PRO A 40 11.41 -4.56 10.26
N ASP A 41 12.42 -3.86 9.77
CA ASP A 41 12.17 -2.70 8.92
C ASP A 41 11.79 -3.16 7.52
N LYS A 42 10.83 -2.45 6.92
CA LYS A 42 10.35 -2.74 5.57
C LYS A 42 9.80 -4.15 5.46
N LEU A 43 8.84 -4.48 6.35
CA LEU A 43 8.19 -5.78 6.27
C LEU A 43 7.42 -5.94 4.97
N GLU A 44 6.72 -4.88 4.54
CA GLU A 44 5.96 -4.91 3.30
C GLU A 44 6.84 -5.23 2.10
N GLU A 45 8.14 -4.96 2.18
CA GLU A 45 9.11 -5.38 1.18
C GLU A 45 9.80 -6.68 1.55
N LYS A 46 10.15 -6.86 2.83
CA LYS A 46 10.86 -8.06 3.24
C LYS A 46 9.99 -9.30 3.07
N PHE A 47 8.70 -9.21 3.39
CA PHE A 47 7.86 -10.40 3.34
C PHE A 47 7.73 -10.98 1.95
N PRO A 48 7.32 -10.24 0.90
CA PRO A 48 7.24 -10.86 -0.43
C PRO A 48 8.57 -11.41 -0.91
N GLN A 49 9.69 -10.80 -0.49
CA GLN A 49 11.00 -11.33 -0.84
C GLN A 49 11.21 -12.70 -0.21
N VAL A 50 11.06 -12.79 1.11
CA VAL A 50 11.35 -14.04 1.80
C VAL A 50 10.23 -15.07 1.59
N ALA A 51 9.00 -14.61 1.36
CA ALA A 51 7.90 -15.53 1.14
C ALA A 51 7.85 -16.06 -0.29
N ALA A 52 8.44 -15.34 -1.25
CA ALA A 52 8.52 -15.87 -2.61
C ALA A 52 9.44 -17.07 -2.72
N THR A 53 10.39 -17.21 -1.79
CA THR A 53 11.26 -18.38 -1.71
C THR A 53 10.73 -19.42 -0.72
N GLY A 54 9.51 -19.26 -0.23
CA GLY A 54 8.91 -20.23 0.66
C GLY A 54 9.28 -20.09 2.11
N ASP A 55 9.90 -18.98 2.51
CA ASP A 55 10.34 -18.75 3.88
C ASP A 55 9.56 -17.57 4.47
N GLY A 56 9.98 -17.14 5.66
CA GLY A 56 9.40 -15.97 6.29
C GLY A 56 8.56 -16.31 7.52
N PRO A 57 7.88 -15.31 8.05
CA PRO A 57 7.09 -15.50 9.27
C PRO A 57 5.81 -16.27 8.98
N ASP A 58 5.14 -16.69 10.06
CA ASP A 58 3.83 -17.32 9.92
C ASP A 58 2.75 -16.29 9.68
N ILE A 59 2.83 -15.14 10.36
CA ILE A 59 1.80 -14.11 10.31
C ILE A 59 2.46 -12.77 10.06
N ILE A 60 1.92 -12.01 9.10
CA ILE A 60 2.38 -10.66 8.80
C ILE A 60 1.21 -9.70 8.98
N PHE A 61 1.47 -8.57 9.63
CA PHE A 61 0.49 -7.51 9.84
C PHE A 61 0.81 -6.37 8.88
N TRP A 62 -0.14 -6.01 8.03
CA TRP A 62 0.04 -4.87 7.14
C TRP A 62 -1.30 -4.40 6.61
N ALA A 63 -1.31 -3.15 6.13
CA ALA A 63 -2.48 -2.59 5.47
C ALA A 63 -2.92 -3.51 4.34
N HIS A 64 -4.24 -3.60 4.14
CA HIS A 64 -4.83 -4.59 3.24
C HIS A 64 -4.47 -4.34 1.78
N ASP A 65 -4.16 -3.10 1.40
CA ASP A 65 -3.99 -2.79 -0.01
C ASP A 65 -2.81 -3.52 -0.63
N ARG A 66 -1.84 -3.95 0.17
CA ARG A 66 -0.70 -4.70 -0.35
C ARG A 66 -1.02 -6.18 -0.56
N PHE A 67 -2.08 -6.69 0.07
CA PHE A 67 -2.29 -8.12 0.12
C PHE A 67 -2.79 -8.71 -1.19
N GLY A 68 -3.37 -7.89 -2.07
CA GLY A 68 -3.75 -8.40 -3.37
C GLY A 68 -2.55 -8.77 -4.22
N GLY A 69 -1.48 -7.97 -4.13
CA GLY A 69 -0.24 -8.36 -4.78
C GLY A 69 0.36 -9.61 -4.18
N TYR A 70 0.18 -9.78 -2.86
CA TYR A 70 0.62 -11.02 -2.21
C TYR A 70 -0.18 -12.20 -2.74
N ALA A 71 -1.50 -12.05 -2.81
CA ALA A 71 -2.37 -13.18 -3.16
C ALA A 71 -2.23 -13.57 -4.63
N GLN A 72 -1.98 -12.62 -5.52
CA GLN A 72 -1.79 -12.96 -6.92
C GLN A 72 -0.57 -13.85 -7.13
N SER A 73 0.42 -13.76 -6.23
CA SER A 73 1.58 -14.63 -6.26
C SER A 73 1.49 -15.78 -5.26
N GLY A 74 0.31 -16.00 -4.68
CA GLY A 74 0.10 -17.13 -3.81
C GLY A 74 0.91 -17.12 -2.53
N LEU A 75 1.17 -15.94 -1.96
CA LEU A 75 1.95 -15.84 -0.73
C LEU A 75 1.10 -15.96 0.52
N LEU A 76 -0.22 -15.84 0.42
CA LEU A 76 -1.09 -15.82 1.58
C LEU A 76 -2.01 -17.03 1.58
N ALA A 77 -2.19 -17.62 2.75
CA ALA A 77 -3.15 -18.72 2.89
C ALA A 77 -4.57 -18.19 2.89
N GLU A 78 -5.47 -18.92 2.23
CA GLU A 78 -6.88 -18.58 2.29
C GLU A 78 -7.44 -18.93 3.65
N ILE A 79 -8.21 -18.03 4.24
CA ILE A 79 -8.84 -18.28 5.53
C ILE A 79 -10.33 -18.49 5.31
N THR A 80 -10.92 -19.33 6.15
CA THR A 80 -12.34 -19.68 6.07
C THR A 80 -12.91 -19.67 7.48
N PRO A 81 -13.15 -18.49 8.03
CA PRO A 81 -13.69 -18.42 9.40
C PRO A 81 -15.17 -18.74 9.43
N ALA A 82 -15.61 -19.27 10.56
CA ALA A 82 -17.01 -19.62 10.73
C ALA A 82 -17.88 -18.37 10.64
N ALA A 83 -19.11 -18.57 10.16
CA ALA A 83 -20.02 -17.44 9.95
C ALA A 83 -20.27 -16.68 11.26
N ALA A 84 -20.31 -17.40 12.38
CA ALA A 84 -20.47 -16.74 13.66
C ALA A 84 -19.30 -15.81 13.95
N PHE A 85 -18.09 -16.20 13.52
CA PHE A 85 -16.94 -15.33 13.74
C PHE A 85 -16.93 -14.14 12.78
N GLN A 86 -17.30 -14.37 11.51
CA GLN A 86 -17.34 -13.28 10.55
C GLN A 86 -18.27 -12.17 11.00
N ASP A 87 -19.36 -12.52 11.67
CA ASP A 87 -20.33 -11.53 12.13
C ASP A 87 -19.77 -10.63 13.24
N LYS A 88 -18.72 -11.07 13.93
CA LYS A 88 -18.11 -10.26 14.96
C LYS A 88 -17.29 -9.09 14.40
N LEU A 89 -17.12 -9.03 13.09
CA LEU A 89 -16.36 -7.98 12.43
C LEU A 89 -17.25 -7.26 11.44
N TYR A 90 -16.95 -5.98 11.22
CA TYR A 90 -17.78 -5.17 10.33
C TYR A 90 -17.65 -5.68 8.90
N PRO A 91 -18.76 -5.87 8.19
CA PRO A 91 -18.70 -6.53 6.86
C PRO A 91 -17.75 -5.89 5.86
N PHE A 92 -17.58 -4.57 5.88
CA PHE A 92 -16.71 -3.94 4.89
C PHE A 92 -15.25 -4.34 5.09
N THR A 93 -14.84 -4.64 6.33
CA THR A 93 -13.47 -5.08 6.56
C THR A 93 -13.20 -6.42 5.90
N TRP A 94 -14.17 -7.33 5.91
CA TRP A 94 -14.00 -8.60 5.20
C TRP A 94 -13.88 -8.36 3.70
N ASP A 95 -14.59 -7.36 3.17
CA ASP A 95 -14.46 -7.04 1.75
C ASP A 95 -13.06 -6.56 1.41
N ALA A 96 -12.41 -5.86 2.33
CA ALA A 96 -11.07 -5.34 2.07
C ALA A 96 -10.01 -6.43 2.03
N VAL A 97 -10.27 -7.58 2.65
CA VAL A 97 -9.32 -8.69 2.67
C VAL A 97 -9.79 -9.84 1.79
N ARG A 98 -10.70 -9.58 0.85
CA ARG A 98 -11.11 -10.56 -0.14
C ARG A 98 -10.37 -10.29 -1.44
N TYR A 99 -9.78 -11.34 -2.01
CA TYR A 99 -9.11 -11.23 -3.30
C TYR A 99 -9.56 -12.38 -4.19
N ASN A 100 -10.13 -12.03 -5.35
CA ASN A 100 -10.63 -13.00 -6.33
C ASN A 100 -11.52 -14.04 -5.68
N GLY A 101 -12.36 -13.59 -4.76
CA GLY A 101 -13.34 -14.45 -4.11
C GLY A 101 -12.88 -15.12 -2.84
N LYS A 102 -11.60 -15.01 -2.47
CA LYS A 102 -11.04 -15.68 -1.31
C LYS A 102 -10.67 -14.66 -0.25
N LEU A 103 -11.04 -14.94 0.99
CA LEU A 103 -10.52 -14.18 2.13
C LEU A 103 -9.06 -14.57 2.35
N ILE A 104 -8.19 -13.57 2.51
CA ILE A 104 -6.76 -13.85 2.55
C ILE A 104 -6.09 -13.25 3.77
N ALA A 105 -6.87 -12.73 4.72
CA ALA A 105 -6.29 -12.19 5.96
C ALA A 105 -7.42 -11.91 6.94
N TYR A 106 -7.03 -11.66 8.19
CA TYR A 106 -7.97 -11.28 9.24
C TYR A 106 -7.90 -9.79 9.47
N PRO A 107 -9.00 -9.04 9.37
CA PRO A 107 -8.97 -7.62 9.72
C PRO A 107 -8.72 -7.42 11.21
N ILE A 108 -7.95 -6.38 11.52
CA ILE A 108 -7.60 -6.06 12.90
C ILE A 108 -8.04 -4.64 13.23
N ALA A 109 -7.54 -3.68 12.46
CA ALA A 109 -7.81 -2.27 12.71
C ALA A 109 -8.21 -1.57 11.42
N VAL A 110 -9.01 -0.51 11.57
CA VAL A 110 -9.46 0.31 10.46
C VAL A 110 -8.83 1.69 10.59
N GLU A 111 -7.97 2.04 9.64
CA GLU A 111 -7.14 3.24 9.73
C GLU A 111 -7.64 4.31 8.77
N ALA A 112 -7.73 5.54 9.27
CA ALA A 112 -8.00 6.70 8.43
C ALA A 112 -7.27 7.89 9.03
N LEU A 113 -6.80 8.77 8.16
CA LEU A 113 -6.12 9.98 8.62
C LEU A 113 -7.12 10.96 9.22
N SER A 114 -6.65 11.73 10.19
CA SER A 114 -7.45 12.77 10.83
C SER A 114 -6.65 14.04 10.95
N LEU A 115 -7.35 15.13 11.23
CA LEU A 115 -6.69 16.38 11.58
C LEU A 115 -6.33 16.36 13.06
N ILE A 116 -5.06 16.64 13.36
CA ILE A 116 -4.58 16.73 14.73
C ILE A 116 -4.10 18.15 14.96
N TYR A 117 -4.58 18.76 16.05
CA TYR A 117 -4.34 20.18 16.28
C TYR A 117 -3.88 20.43 17.71
N ASN A 118 -3.05 21.46 17.87
CA ASN A 118 -2.52 21.87 19.16
C ASN A 118 -3.56 22.75 19.85
N LYS A 119 -4.17 22.22 20.92
CA LYS A 119 -5.27 22.93 21.57
C LYS A 119 -4.84 24.28 22.12
N ASP A 120 -3.60 24.40 22.59
CA ASP A 120 -3.15 25.65 23.19
C ASP A 120 -2.90 26.71 22.13
N LEU A 121 -2.30 26.33 21.00
CA LEU A 121 -2.10 27.28 19.91
C LEU A 121 -3.40 27.56 19.16
N LEU A 122 -4.30 26.59 19.11
CA LEU A 122 -5.45 26.63 18.19
C LEU A 122 -6.61 25.88 18.82
N PRO A 123 -7.40 26.56 19.66
CA PRO A 123 -8.51 25.86 20.34
C PRO A 123 -9.71 25.63 19.42
N ASN A 124 -9.88 26.47 18.41
CA ASN A 124 -10.93 26.26 17.41
C ASN A 124 -10.30 25.93 16.07
N PRO A 125 -9.96 24.66 15.81
CA PRO A 125 -9.28 24.33 14.56
C PRO A 125 -10.19 24.59 13.37
N PRO A 126 -9.63 24.98 12.23
CA PRO A 126 -10.46 25.39 11.10
C PRO A 126 -11.23 24.22 10.51
N LYS A 127 -12.40 24.54 9.95
CA LYS A 127 -13.25 23.55 9.31
C LYS A 127 -12.97 23.41 7.82
N THR A 128 -12.29 24.39 7.21
CA THR A 128 -12.04 24.38 5.77
C THR A 128 -10.56 24.51 5.47
N TRP A 129 -10.15 23.87 4.37
CA TRP A 129 -8.80 24.08 3.86
C TRP A 129 -8.58 25.54 3.48
N GLU A 130 -9.63 26.19 2.96
CA GLU A 130 -9.50 27.52 2.38
C GLU A 130 -9.06 28.57 3.38
N GLU A 131 -9.30 28.36 4.67
CA GLU A 131 -8.94 29.35 5.68
C GLU A 131 -7.58 29.09 6.32
N ILE A 132 -6.86 28.06 5.88
CA ILE A 132 -5.55 27.73 6.42
C ILE A 132 -4.50 28.75 5.99
N PRO A 133 -4.50 29.24 4.73
CA PRO A 133 -3.54 30.31 4.39
C PRO A 133 -3.59 31.52 5.31
N ALA A 134 -4.77 32.07 5.58
CA ALA A 134 -4.87 33.21 6.48
C ALA A 134 -4.44 32.85 7.89
N LEU A 135 -4.70 31.61 8.33
CA LEU A 135 -4.28 31.21 9.66
C LEU A 135 -2.77 31.08 9.74
N ASP A 136 -2.13 30.61 8.66
CA ASP A 136 -0.67 30.56 8.65
C ASP A 136 -0.07 31.96 8.66
N LYS A 137 -0.63 32.88 7.86
CA LYS A 137 -0.20 34.27 7.88
C LYS A 137 -0.23 34.86 9.28
N GLU A 138 -1.24 34.48 10.07
CA GLU A 138 -1.35 34.97 11.43
C GLU A 138 -0.28 34.36 12.33
N LEU A 139 -0.15 33.03 12.33
CA LEU A 139 0.80 32.36 13.19
C LEU A 139 2.26 32.68 12.84
N LYS A 140 2.52 33.10 11.60
CA LYS A 140 3.88 33.45 11.21
C LYS A 140 4.37 34.70 11.93
N ALA A 141 3.48 35.64 12.22
CA ALA A 141 3.84 36.81 13.01
C ALA A 141 4.14 36.47 14.46
N LYS A 142 3.94 35.21 14.85
CA LYS A 142 4.31 34.69 16.16
C LYS A 142 5.44 33.67 16.05
N GLY A 143 5.97 33.45 14.84
CA GLY A 143 7.02 32.48 14.66
C GLY A 143 6.56 31.05 14.60
N LYS A 144 5.27 30.81 14.34
CA LYS A 144 4.71 29.47 14.22
C LYS A 144 4.14 29.29 12.82
N SER A 145 3.66 28.08 12.55
CA SER A 145 3.02 27.76 11.29
C SER A 145 1.70 27.05 11.55
N ALA A 146 0.83 27.04 10.55
CA ALA A 146 -0.50 26.47 10.71
C ALA A 146 -0.49 24.95 10.55
N LEU A 147 0.13 24.46 9.48
CA LEU A 147 -0.02 23.06 9.10
C LEU A 147 1.29 22.49 8.55
N MET A 148 1.68 21.33 9.06
CA MET A 148 2.78 20.56 8.50
C MET A 148 2.39 19.09 8.49
N PHE A 149 2.52 18.45 7.32
CA PHE A 149 2.28 17.01 7.21
C PHE A 149 3.13 16.45 6.09
N ASN A 150 3.24 15.12 6.07
CA ASN A 150 4.15 14.40 5.18
C ASN A 150 3.70 14.55 3.73
N LEU A 151 4.38 15.43 2.99
CA LEU A 151 4.10 15.58 1.57
C LEU A 151 4.77 14.52 0.71
N GLN A 152 5.69 13.73 1.28
CA GLN A 152 6.43 12.76 0.49
C GLN A 152 5.63 11.50 0.19
N GLU A 153 4.59 11.20 0.97
CA GLU A 153 3.77 10.02 0.73
C GLU A 153 2.38 10.43 0.26
N PRO A 154 1.93 9.94 -0.89
CA PRO A 154 0.64 10.41 -1.44
C PRO A 154 -0.56 10.00 -0.61
N TYR A 155 -0.41 8.99 0.26
CA TYR A 155 -1.44 8.64 1.23
C TYR A 155 -1.86 9.85 2.05
N PHE A 156 -0.94 10.78 2.32
CA PHE A 156 -1.22 11.94 3.16
C PHE A 156 -1.82 13.11 2.38
N THR A 157 -1.60 13.18 1.08
CA THR A 157 -2.20 14.23 0.26
C THR A 157 -3.51 13.81 -0.38
N TRP A 158 -3.77 12.51 -0.47
CA TRP A 158 -5.00 12.01 -1.09
C TRP A 158 -6.28 12.57 -0.48
N PRO A 159 -6.42 12.74 0.85
CA PRO A 159 -7.69 13.29 1.37
C PRO A 159 -8.12 14.58 0.69
N LEU A 160 -7.18 15.50 0.47
CA LEU A 160 -7.50 16.74 -0.22
C LEU A 160 -7.69 16.52 -1.71
N ILE A 161 -6.88 15.64 -2.31
CA ILE A 161 -6.95 15.41 -3.76
C ILE A 161 -8.30 14.80 -4.15
N ALA A 162 -8.79 13.87 -3.33
CA ALA A 162 -10.04 13.16 -3.66
C ALA A 162 -11.30 13.91 -3.26
N ALA A 163 -11.18 14.98 -2.47
CA ALA A 163 -12.36 15.61 -1.88
C ALA A 163 -13.32 16.14 -2.94
N ASP A 164 -12.79 16.76 -3.99
CA ASP A 164 -13.62 17.39 -5.02
C ASP A 164 -13.85 16.49 -6.23
N GLY A 165 -13.41 15.23 -6.18
CA GLY A 165 -13.72 14.32 -7.27
C GLY A 165 -12.70 13.25 -7.58
N GLY A 166 -11.52 13.31 -6.96
CA GLY A 166 -10.48 12.35 -7.26
C GLY A 166 -10.80 10.97 -6.73
N TYR A 167 -10.27 9.96 -7.42
CA TYR A 167 -10.45 8.57 -7.00
C TYR A 167 -9.36 7.72 -7.63
N ALA A 168 -9.14 6.55 -7.03
CA ALA A 168 -8.08 5.66 -7.47
C ALA A 168 -8.53 4.78 -8.63
N PHE A 169 -9.04 3.59 -8.32
CA PHE A 169 -9.63 2.70 -9.31
C PHE A 169 -11.13 2.62 -9.06
N LYS A 170 -11.93 2.79 -10.12
CA LYS A 170 -13.37 2.73 -9.98
C LYS A 170 -13.84 1.30 -9.73
N TYR A 171 -14.77 1.15 -8.79
CA TYR A 171 -15.37 -0.15 -8.48
C TYR A 171 -16.67 -0.29 -9.25
N ALA A 172 -16.73 -1.29 -10.13
CA ALA A 172 -17.90 -1.53 -10.96
C ALA A 172 -18.07 -3.02 -11.17
N ALA A 173 -19.28 -3.52 -10.91
CA ALA A 173 -19.65 -4.91 -11.17
C ALA A 173 -18.74 -5.89 -10.44
N GLY A 174 -18.52 -5.62 -9.15
CA GLY A 174 -17.78 -6.54 -8.31
C GLY A 174 -16.29 -6.62 -8.60
N LYS A 175 -15.75 -5.65 -9.34
CA LYS A 175 -14.32 -5.67 -9.66
C LYS A 175 -13.82 -4.24 -9.82
N TYR A 176 -12.51 -4.08 -9.78
CA TYR A 176 -11.85 -2.81 -10.03
C TYR A 176 -11.41 -2.75 -11.49
N ASP A 177 -11.64 -1.61 -12.12
CA ASP A 177 -11.31 -1.41 -13.53
C ASP A 177 -9.94 -0.76 -13.61
N ILE A 178 -8.95 -1.53 -14.10
CA ILE A 178 -7.58 -1.03 -14.20
C ILE A 178 -7.51 0.21 -15.06
N LYS A 179 -8.40 0.35 -16.05
CA LYS A 179 -8.34 1.44 -17.00
C LYS A 179 -9.20 2.64 -16.59
N ASP A 180 -9.90 2.57 -15.47
CA ASP A 180 -10.73 3.68 -14.99
C ASP A 180 -10.07 4.25 -13.73
N VAL A 181 -9.19 5.24 -13.94
CA VAL A 181 -8.45 5.89 -12.86
C VAL A 181 -8.87 7.35 -12.82
N GLY A 182 -8.99 7.90 -11.62
CA GLY A 182 -9.42 9.27 -11.49
C GLY A 182 -8.45 10.20 -10.76
N VAL A 183 -7.21 10.29 -11.23
CA VAL A 183 -6.24 11.17 -10.59
C VAL A 183 -6.01 12.46 -11.36
N ASP A 184 -6.53 12.58 -12.60
CA ASP A 184 -6.33 13.80 -13.36
C ASP A 184 -7.66 14.44 -13.77
N ASN A 185 -8.73 14.18 -13.03
CA ASN A 185 -9.99 14.86 -13.27
C ASN A 185 -9.96 16.26 -12.65
N ALA A 186 -11.10 16.94 -12.64
CA ALA A 186 -11.12 18.34 -12.20
C ALA A 186 -10.93 18.46 -10.70
N GLY A 187 -11.47 17.51 -9.93
CA GLY A 187 -11.36 17.60 -8.48
C GLY A 187 -9.95 17.31 -7.98
N ALA A 188 -9.26 16.38 -8.62
CA ALA A 188 -7.86 16.13 -8.27
C ALA A 188 -6.99 17.32 -8.64
N LYS A 189 -7.20 17.89 -9.83
CA LYS A 189 -6.44 19.06 -10.24
C LYS A 189 -6.65 20.23 -9.28
N ALA A 190 -7.89 20.44 -8.84
CA ALA A 190 -8.17 21.53 -7.91
C ALA A 190 -7.60 21.24 -6.53
N GLY A 191 -7.65 19.98 -6.09
CA GLY A 191 -7.07 19.64 -4.81
C GLY A 191 -5.57 19.82 -4.78
N LEU A 192 -4.87 19.30 -5.80
CA LEU A 192 -3.42 19.43 -5.84
C LEU A 192 -2.98 20.86 -6.09
N THR A 193 -3.75 21.64 -6.86
CA THR A 193 -3.41 23.04 -7.06
C THR A 193 -3.45 23.81 -5.74
N PHE A 194 -4.44 23.52 -4.89
CA PHE A 194 -4.49 24.19 -3.59
C PHE A 194 -3.24 23.90 -2.78
N LEU A 195 -2.80 22.64 -2.77
CA LEU A 195 -1.59 22.28 -2.03
C LEU A 195 -0.35 22.95 -2.63
N VAL A 196 -0.24 22.95 -3.96
CA VAL A 196 0.89 23.61 -4.61
C VAL A 196 0.88 25.11 -4.31
N ASP A 197 -0.31 25.70 -4.23
CA ASP A 197 -0.40 27.11 -3.88
C ASP A 197 0.04 27.37 -2.44
N LEU A 198 -0.26 26.43 -1.53
CA LEU A 198 0.23 26.56 -0.16
C LEU A 198 1.75 26.66 -0.12
N ILE A 199 2.42 25.94 -1.02
CA ILE A 199 3.87 25.93 -1.04
C ILE A 199 4.43 27.19 -1.70
N LYS A 200 3.84 27.62 -2.81
CA LYS A 200 4.30 28.83 -3.49
C LYS A 200 4.12 30.07 -2.60
N ASN A 201 3.04 30.10 -1.82
CA ASN A 201 2.80 31.18 -0.88
C ASN A 201 3.50 30.98 0.46
N LYS A 202 4.39 29.98 0.54
CA LYS A 202 5.29 29.77 1.68
C LYS A 202 4.54 29.41 2.97
N HIS A 203 3.37 28.81 2.85
CA HIS A 203 2.70 28.24 4.02
C HIS A 203 3.11 26.81 4.29
N MET A 204 3.77 26.16 3.33
CA MET A 204 4.33 24.83 3.49
C MET A 204 5.63 24.77 2.71
N ASN A 205 6.52 23.86 3.12
CA ASN A 205 7.77 23.61 2.40
C ASN A 205 7.67 22.29 1.65
N ALA A 206 8.26 22.25 0.46
CA ALA A 206 8.16 21.08 -0.40
C ALA A 206 8.93 19.87 0.14
N ASP A 207 9.83 20.08 1.10
CA ASP A 207 10.63 18.99 1.63
C ASP A 207 10.11 18.44 2.95
N THR A 208 8.96 18.93 3.43
CA THR A 208 8.38 18.39 4.65
C THR A 208 8.04 16.92 4.47
N ASP A 209 8.56 16.08 5.37
CA ASP A 209 8.30 14.64 5.34
C ASP A 209 7.70 14.23 6.68
N TYR A 210 7.63 12.91 6.91
CA TYR A 210 7.03 12.40 8.14
C TYR A 210 7.77 12.90 9.37
N SER A 211 9.10 12.81 9.35
CA SER A 211 9.88 13.15 10.53
C SER A 211 9.81 14.64 10.84
N ILE A 212 9.94 15.49 9.81
CA ILE A 212 9.94 16.93 10.02
C ILE A 212 8.58 17.38 10.55
N ALA A 213 7.49 16.87 9.95
CA ALA A 213 6.16 17.27 10.39
C ALA A 213 5.86 16.79 11.80
N GLU A 214 6.34 15.59 12.16
CA GLU A 214 6.11 15.08 13.50
C GLU A 214 6.91 15.85 14.54
N HIS A 215 8.18 16.14 14.22
CA HIS A 215 9.00 16.89 15.16
C HIS A 215 8.44 18.29 15.39
N ALA A 216 7.97 18.94 14.33
CA ALA A 216 7.43 20.29 14.47
C ALA A 216 6.20 20.30 15.38
N PHE A 217 5.22 19.43 15.09
CA PHE A 217 4.00 19.42 15.89
C PHE A 217 4.28 18.99 17.32
N ASN A 218 5.07 17.93 17.49
CA ASN A 218 5.34 17.42 18.84
C ASN A 218 6.18 18.38 19.67
N HIS A 219 6.76 19.41 19.08
CA HIS A 219 7.51 20.43 19.81
C HIS A 219 6.83 21.80 19.75
N GLY A 220 5.51 21.82 19.51
CA GLY A 220 4.76 23.05 19.57
C GLY A 220 5.10 24.10 18.53
N GLU A 221 5.80 23.71 17.46
CA GLU A 221 6.19 24.67 16.43
C GLU A 221 5.12 24.87 15.37
N THR A 222 4.22 23.91 15.16
CA THR A 222 3.14 24.06 14.20
C THR A 222 1.83 23.68 14.88
N ALA A 223 0.75 24.31 14.43
CA ALA A 223 -0.52 24.19 15.14
C ALA A 223 -1.32 22.97 14.72
N MET A 224 -1.14 22.48 13.50
CA MET A 224 -1.86 21.30 13.04
C MET A 224 -0.93 20.37 12.28
N THR A 225 -1.33 19.10 12.25
CA THR A 225 -0.72 18.09 11.41
C THR A 225 -1.81 17.10 11.01
N ILE A 226 -1.49 16.28 10.01
CA ILE A 226 -2.42 15.26 9.51
C ILE A 226 -1.73 13.91 9.68
N ASN A 227 -2.28 13.05 10.53
CA ASN A 227 -1.67 11.76 10.78
C ASN A 227 -2.72 10.78 11.27
N GLY A 228 -2.26 9.57 11.61
CA GLY A 228 -3.13 8.50 12.03
C GLY A 228 -2.81 8.01 13.43
N PRO A 229 -3.48 6.93 13.84
CA PRO A 229 -3.34 6.48 15.24
C PRO A 229 -1.95 6.01 15.61
N TRP A 230 -1.16 5.57 14.63
CA TRP A 230 0.22 5.15 14.90
C TRP A 230 1.08 6.29 15.44
N ALA A 231 0.63 7.55 15.26
CA ALA A 231 1.39 8.71 15.70
C ALA A 231 0.95 9.23 17.06
N TRP A 232 -0.13 8.70 17.63
CA TRP A 232 -0.68 9.27 18.87
C TRP A 232 0.30 9.10 20.03
N SER A 233 1.00 7.96 20.09
CA SER A 233 1.87 7.68 21.23
C SER A 233 2.95 8.75 21.37
N ASN A 234 3.59 9.14 20.26
CA ASN A 234 4.66 10.11 20.34
C ASN A 234 4.17 11.48 20.76
N ILE A 235 2.93 11.85 20.38
CA ILE A 235 2.38 13.10 20.88
C ILE A 235 2.02 12.97 22.35
N ASP A 236 1.61 11.79 22.78
CA ASP A 236 1.23 11.58 24.18
C ASP A 236 2.38 11.93 25.11
N THR A 237 3.56 11.36 24.87
CA THR A 237 4.72 11.64 25.70
C THR A 237 5.33 13.01 25.43
N SER A 238 4.86 13.72 24.40
CA SER A 238 5.42 15.02 24.06
C SER A 238 4.85 16.17 24.88
N ALA A 239 3.75 15.94 25.59
CA ALA A 239 3.09 16.95 26.42
C ALA A 239 2.58 18.13 25.61
N VAL A 240 2.34 17.95 24.31
CA VAL A 240 1.53 18.89 23.55
C VAL A 240 0.07 18.55 23.80
N ASN A 241 -0.73 19.56 24.13
CA ASN A 241 -2.15 19.37 24.38
C ASN A 241 -2.87 19.36 23.04
N TYR A 242 -3.27 18.18 22.58
CA TYR A 242 -3.74 18.00 21.21
C TYR A 242 -5.13 17.39 21.17
N GLY A 243 -5.81 17.64 20.06
CA GLY A 243 -7.08 17.00 19.77
C GLY A 243 -7.04 16.32 18.41
N VAL A 244 -7.94 15.36 18.20
CA VAL A 244 -8.07 14.64 16.93
C VAL A 244 -9.49 14.87 16.45
N THR A 245 -9.63 15.41 15.23
CA THR A 245 -10.92 15.87 14.75
C THR A 245 -11.09 15.55 13.28
N VAL A 246 -12.22 16.00 12.73
CA VAL A 246 -12.54 15.73 11.33
C VAL A 246 -11.62 16.53 10.43
N LEU A 247 -11.22 15.92 9.31
CA LEU A 247 -10.39 16.62 8.35
C LEU A 247 -11.13 17.83 7.80
N PRO A 248 -10.41 18.88 7.38
CA PRO A 248 -11.09 20.07 6.86
C PRO A 248 -11.72 19.79 5.51
N THR A 249 -12.79 20.52 5.21
CA THR A 249 -13.41 20.40 3.91
C THR A 249 -12.62 21.18 2.86
N PHE A 250 -12.86 20.84 1.61
CA PHE A 250 -12.31 21.57 0.47
C PHE A 250 -13.42 21.80 -0.54
N LYS A 251 -13.64 23.07 -0.89
CA LYS A 251 -14.75 23.47 -1.77
C LYS A 251 -16.08 22.89 -1.28
N GLY A 252 -16.27 22.91 0.04
CA GLY A 252 -17.49 22.43 0.64
C GLY A 252 -17.63 20.93 0.79
N GLN A 253 -16.71 20.13 0.21
CA GLN A 253 -16.73 18.68 0.25
C GLN A 253 -15.83 18.15 1.35
N PRO A 254 -16.19 17.05 1.98
CA PRO A 254 -15.30 16.46 3.00
C PRO A 254 -14.02 15.95 2.36
N SER A 255 -12.91 16.09 3.08
CA SER A 255 -11.72 15.35 2.73
C SER A 255 -12.03 13.86 2.78
N LYS A 256 -11.51 13.12 1.80
CA LYS A 256 -11.78 11.69 1.65
C LYS A 256 -10.48 10.93 1.86
N PRO A 257 -10.12 10.63 3.10
CA PRO A 257 -8.89 9.87 3.34
C PRO A 257 -9.03 8.44 2.86
N PHE A 258 -7.93 7.88 2.39
CA PHE A 258 -7.90 6.46 2.11
C PHE A 258 -8.11 5.69 3.40
N VAL A 259 -8.94 4.65 3.33
CA VAL A 259 -9.20 3.80 4.48
C VAL A 259 -8.37 2.53 4.32
N GLY A 260 -7.52 2.26 5.30
CA GLY A 260 -6.70 1.06 5.33
C GLY A 260 -7.16 0.15 6.45
N VAL A 261 -7.24 -1.15 6.15
CA VAL A 261 -7.58 -2.16 7.13
C VAL A 261 -6.29 -2.89 7.50
N LEU A 262 -5.73 -2.55 8.65
CA LEU A 262 -4.62 -3.34 9.19
C LEU A 262 -5.08 -4.77 9.36
N SER A 263 -4.37 -5.71 8.73
CA SER A 263 -4.87 -7.06 8.62
C SER A 263 -3.75 -8.07 8.87
N ALA A 264 -4.13 -9.24 9.38
CA ALA A 264 -3.20 -10.30 9.72
C ALA A 264 -3.32 -11.41 8.68
N GLY A 265 -2.30 -11.53 7.83
CA GLY A 265 -2.26 -12.57 6.82
C GLY A 265 -1.34 -13.71 7.24
N ILE A 266 -1.72 -14.92 6.83
CA ILE A 266 -0.97 -16.13 7.16
C ILE A 266 -0.13 -16.54 5.95
N ASN A 267 1.15 -16.78 6.18
CA ASN A 267 2.05 -17.20 5.12
C ASN A 267 1.55 -18.48 4.47
N ALA A 268 1.51 -18.49 3.13
CA ALA A 268 1.10 -19.68 2.41
C ALA A 268 2.06 -20.85 2.66
N ALA A 269 3.34 -20.55 2.88
CA ALA A 269 4.34 -21.56 3.14
C ALA A 269 4.45 -21.95 4.60
N SER A 270 3.55 -21.45 5.46
CA SER A 270 3.66 -21.76 6.87
C SER A 270 3.19 -23.18 7.16
N PRO A 271 3.90 -23.91 8.03
CA PRO A 271 3.42 -25.21 8.51
C PRO A 271 2.57 -25.13 9.77
N ASN A 272 2.29 -23.93 10.26
CA ASN A 272 1.49 -23.71 11.46
C ASN A 272 0.17 -23.01 11.15
N LYS A 273 -0.41 -23.33 10.00
CA LYS A 273 -1.59 -22.59 9.53
C LYS A 273 -2.72 -22.64 10.54
N GLU A 274 -3.00 -23.81 11.10
CA GLU A 274 -4.11 -23.95 12.04
C GLU A 274 -3.82 -23.23 13.35
N LEU A 275 -2.56 -23.22 13.79
CA LEU A 275 -2.21 -22.48 15.00
C LEU A 275 -2.33 -20.98 14.78
N ALA A 276 -1.99 -20.51 13.57
CA ALA A 276 -2.15 -19.10 13.26
C ALA A 276 -3.62 -18.69 13.26
N LYS A 277 -4.47 -19.52 12.65
CA LYS A 277 -5.90 -19.25 12.70
C LYS A 277 -6.42 -19.29 14.12
N GLU A 278 -5.95 -20.25 14.92
CA GLU A 278 -6.35 -20.33 16.32
C GLU A 278 -5.93 -19.08 17.08
N PHE A 279 -4.69 -18.63 16.87
CA PHE A 279 -4.20 -17.46 17.59
C PHE A 279 -4.96 -16.19 17.20
N LEU A 280 -5.25 -16.04 15.91
CA LEU A 280 -5.87 -14.80 15.44
C LEU A 280 -7.35 -14.74 15.84
N GLU A 281 -8.06 -15.85 15.72
CA GLU A 281 -9.50 -15.84 16.00
C GLU A 281 -9.78 -15.84 17.50
N ASN A 282 -9.19 -16.78 18.23
CA ASN A 282 -9.57 -17.04 19.61
C ASN A 282 -8.72 -16.32 20.64
N TYR A 283 -7.68 -15.60 20.22
CA TYR A 283 -6.83 -14.92 21.19
C TYR A 283 -6.68 -13.44 20.87
N LEU A 284 -6.29 -13.11 19.65
CA LEU A 284 -6.09 -11.70 19.30
C LEU A 284 -7.42 -10.98 19.08
N LEU A 285 -8.27 -11.54 18.21
CA LEU A 285 -9.54 -10.88 17.86
C LEU A 285 -10.59 -11.10 18.94
N THR A 286 -10.24 -10.65 20.14
CA THR A 286 -11.15 -10.61 21.28
C THR A 286 -10.97 -9.26 21.96
N ASP A 287 -11.93 -8.93 22.84
CA ASP A 287 -11.82 -7.68 23.60
C ASP A 287 -10.51 -7.62 24.38
N GLU A 288 -10.12 -8.73 25.01
CA GLU A 288 -8.91 -8.74 25.83
C GLU A 288 -7.64 -8.76 24.99
N GLY A 289 -7.66 -9.47 23.86
CA GLY A 289 -6.49 -9.49 23.00
C GLY A 289 -6.23 -8.15 22.34
N LEU A 290 -7.27 -7.55 21.76
CA LEU A 290 -7.13 -6.22 21.17
C LEU A 290 -6.79 -5.18 22.23
N GLU A 291 -7.28 -5.35 23.46
CA GLU A 291 -6.98 -4.38 24.51
C GLU A 291 -5.50 -4.40 24.87
N ALA A 292 -4.89 -5.58 24.90
CA ALA A 292 -3.46 -5.67 25.21
C ALA A 292 -2.63 -4.94 24.16
N VAL A 293 -2.96 -5.13 22.88
CA VAL A 293 -2.24 -4.43 21.81
C VAL A 293 -2.52 -2.94 21.88
N ASN A 294 -3.80 -2.57 22.04
CA ASN A 294 -4.17 -1.15 22.07
C ASN A 294 -3.57 -0.45 23.28
N LYS A 295 -3.49 -1.15 24.41
CA LYS A 295 -2.91 -0.55 25.61
C LYS A 295 -1.43 -0.21 25.40
N ASP A 296 -0.70 -1.09 24.70
CA ASP A 296 0.70 -0.82 24.40
C ASP A 296 0.83 0.40 23.50
N LYS A 297 0.22 0.35 22.32
CA LYS A 297 0.17 1.47 21.40
C LYS A 297 -1.23 1.46 20.79
N PRO A 298 -1.89 2.61 20.71
CA PRO A 298 -3.29 2.62 20.25
C PRO A 298 -3.42 2.18 18.81
N LEU A 299 -4.42 1.35 18.55
CA LEU A 299 -4.77 0.91 17.21
C LEU A 299 -5.71 1.87 16.49
N GLY A 300 -6.31 2.81 17.22
CA GLY A 300 -7.37 3.62 16.64
C GLY A 300 -8.66 2.85 16.68
N ALA A 301 -9.40 2.86 15.56
CA ALA A 301 -10.58 2.03 15.44
C ALA A 301 -10.18 0.60 15.09
N VAL A 302 -11.06 -0.35 15.41
CA VAL A 302 -10.79 -1.76 15.20
C VAL A 302 -11.95 -2.39 14.43
N ALA A 303 -11.67 -3.56 13.86
CA ALA A 303 -12.67 -4.28 13.07
C ALA A 303 -13.58 -5.15 13.90
N LEU A 304 -13.18 -5.51 15.12
CA LEU A 304 -14.04 -6.28 16.02
C LEU A 304 -15.07 -5.33 16.62
N LYS A 305 -16.34 -5.53 16.23
CA LYS A 305 -17.37 -4.56 16.60
C LYS A 305 -17.57 -4.47 18.11
N SER A 306 -17.39 -5.57 18.83
CA SER A 306 -17.61 -5.54 20.27
C SER A 306 -16.61 -4.64 20.98
N TYR A 307 -15.35 -4.67 20.55
CA TYR A 307 -14.35 -3.80 21.17
C TYR A 307 -14.35 -2.39 20.58
N GLU A 308 -14.74 -2.25 19.30
CA GLU A 308 -14.83 -0.92 18.71
C GLU A 308 -15.90 -0.08 19.41
N GLU A 309 -17.00 -0.72 19.82
CA GLU A 309 -18.03 -0.03 20.59
C GLU A 309 -17.48 0.50 21.91
N GLU A 310 -16.37 -0.06 22.39
CA GLU A 310 -15.68 0.45 23.57
C GLU A 310 -14.68 1.55 23.22
N LEU A 311 -13.97 1.40 22.09
CA LEU A 311 -12.94 2.37 21.73
C LEU A 311 -13.53 3.66 21.21
N VAL A 312 -14.70 3.61 20.56
CA VAL A 312 -15.31 4.80 19.99
C VAL A 312 -15.66 5.84 21.05
N LYS A 313 -15.64 5.47 22.33
CA LYS A 313 -15.81 6.46 23.39
C LYS A 313 -14.63 7.43 23.43
N ASP A 314 -13.44 6.96 23.06
CA ASP A 314 -12.29 7.84 22.89
C ASP A 314 -12.59 8.78 21.72
N PRO A 315 -12.58 10.10 21.93
CA PRO A 315 -12.89 11.02 20.82
C PRO A 315 -11.90 10.94 19.68
N ARG A 316 -10.65 10.54 19.93
CA ARG A 316 -9.71 10.32 18.84
C ARG A 316 -10.19 9.19 17.94
N VAL A 317 -10.68 8.09 18.54
CA VAL A 317 -11.20 6.98 17.75
C VAL A 317 -12.50 7.38 17.06
N ALA A 318 -13.32 8.18 17.74
CA ALA A 318 -14.55 8.68 17.12
C ALA A 318 -14.22 9.52 15.89
N ALA A 319 -13.20 10.36 15.98
CA ALA A 319 -12.79 11.16 14.81
C ALA A 319 -12.23 10.28 13.71
N THR A 320 -11.52 9.21 14.08
CA THR A 320 -11.04 8.27 13.08
C THR A 320 -12.19 7.61 12.34
N MET A 321 -13.24 7.22 13.08
CA MET A 321 -14.40 6.62 12.45
C MET A 321 -15.08 7.58 11.49
N GLU A 322 -15.25 8.83 11.91
CA GLU A 322 -15.95 9.80 11.07
C GLU A 322 -15.15 10.07 9.79
N ASN A 323 -13.82 10.20 9.91
CA ASN A 323 -13.01 10.38 8.71
C ASN A 323 -13.02 9.14 7.83
N ALA A 324 -13.07 7.95 8.44
CA ALA A 324 -13.14 6.73 7.66
C ALA A 324 -14.45 6.63 6.89
N GLN A 325 -15.55 7.07 7.51
CA GLN A 325 -16.85 7.00 6.84
C GLN A 325 -16.91 7.93 5.64
N LYS A 326 -16.14 9.01 5.64
CA LYS A 326 -16.11 9.94 4.53
C LYS A 326 -15.07 9.59 3.48
N GLY A 327 -14.27 8.56 3.71
CA GLY A 327 -13.17 8.21 2.84
C GLY A 327 -13.49 7.07 1.90
N GLU A 328 -12.43 6.48 1.34
CA GLU A 328 -12.56 5.38 0.39
C GLU A 328 -11.66 4.24 0.80
N ILE A 329 -12.19 3.02 0.75
CA ILE A 329 -11.37 1.84 0.96
C ILE A 329 -10.32 1.77 -0.14
N MET A 330 -9.08 1.52 0.24
CA MET A 330 -8.04 1.33 -0.76
C MET A 330 -8.35 0.08 -1.57
N PRO A 331 -8.25 0.14 -2.89
CA PRO A 331 -8.24 -1.10 -3.67
C PRO A 331 -7.04 -1.95 -3.28
N ASN A 332 -7.16 -3.26 -3.48
CA ASN A 332 -6.08 -4.17 -3.15
C ASN A 332 -5.46 -4.81 -4.38
N ILE A 333 -5.81 -4.36 -5.58
CA ILE A 333 -5.36 -4.99 -6.81
C ILE A 333 -3.86 -4.77 -6.96
N PRO A 334 -3.14 -5.65 -7.67
CA PRO A 334 -1.68 -5.50 -7.75
C PRO A 334 -1.23 -4.22 -8.41
N GLN A 335 -2.06 -3.59 -9.24
CA GLN A 335 -1.70 -2.34 -9.89
C GLN A 335 -1.66 -1.17 -8.93
N MET A 336 -1.99 -1.38 -7.65
CA MET A 336 -1.86 -0.31 -6.67
C MET A 336 -0.42 0.19 -6.57
N SER A 337 0.55 -0.69 -6.83
CA SER A 337 1.96 -0.28 -6.75
C SER A 337 2.28 0.75 -7.83
N ALA A 338 1.82 0.53 -9.06
CA ALA A 338 2.02 1.53 -10.10
C ALA A 338 1.14 2.76 -9.87
N PHE A 339 -0.05 2.56 -9.30
CA PHE A 339 -0.86 3.71 -8.90
C PHE A 339 -0.13 4.55 -7.86
N TRP A 340 0.34 3.93 -6.78
CA TRP A 340 1.00 4.65 -5.71
C TRP A 340 2.22 5.40 -6.23
N TYR A 341 3.06 4.73 -7.03
CA TYR A 341 4.23 5.38 -7.57
C TYR A 341 3.86 6.53 -8.49
N ALA A 342 2.80 6.36 -9.29
CA ALA A 342 2.37 7.42 -10.19
C ALA A 342 1.94 8.65 -9.41
N VAL A 343 1.12 8.46 -8.36
CA VAL A 343 0.61 9.60 -7.61
C VAL A 343 1.70 10.21 -6.74
N ARG A 344 2.57 9.37 -6.18
CA ARG A 344 3.66 9.89 -5.35
C ARG A 344 4.57 10.82 -6.16
N THR A 345 4.97 10.38 -7.36
CA THR A 345 5.86 11.20 -8.18
C THR A 345 5.17 12.48 -8.64
N ALA A 346 3.88 12.40 -8.97
CA ALA A 346 3.17 13.57 -9.45
C ALA A 346 3.02 14.62 -8.36
N VAL A 347 2.65 14.20 -7.16
CA VAL A 347 2.46 15.14 -6.06
C VAL A 347 3.77 15.84 -5.72
N ILE A 348 4.86 15.07 -5.61
CA ILE A 348 6.14 15.66 -5.22
C ILE A 348 6.67 16.56 -6.34
N ASN A 349 6.48 16.16 -7.60
CA ASN A 349 6.92 17.00 -8.71
C ASN A 349 6.13 18.30 -8.77
N ALA A 350 4.83 18.24 -8.50
CA ALA A 350 4.04 19.46 -8.46
C ALA A 350 4.38 20.29 -7.22
N ALA A 351 4.60 19.63 -6.08
CA ALA A 351 4.90 20.35 -4.84
C ALA A 351 6.21 21.12 -4.95
N SER A 352 7.20 20.56 -5.64
CA SER A 352 8.53 21.14 -5.72
C SER A 352 8.76 21.94 -7.01
N GLY A 353 7.71 22.15 -7.81
CA GLY A 353 7.80 22.97 -8.99
C GLY A 353 8.37 22.29 -10.23
N ARG A 354 8.62 20.98 -10.17
CA ARG A 354 9.19 20.29 -11.32
C ARG A 354 8.19 20.14 -12.45
N GLN A 355 6.89 20.07 -12.13
CA GLN A 355 5.83 19.98 -13.11
C GLN A 355 4.66 20.83 -12.65
N THR A 356 3.89 21.32 -13.61
CA THR A 356 2.61 21.91 -13.27
C THR A 356 1.66 20.83 -12.78
N VAL A 357 0.56 21.26 -12.16
CA VAL A 357 -0.42 20.31 -11.65
C VAL A 357 -1.05 19.52 -12.79
N ASP A 358 -1.49 20.22 -13.84
CA ASP A 358 -2.15 19.56 -14.96
C ASP A 358 -1.23 18.53 -15.60
N ALA A 359 0.03 18.90 -15.84
CA ALA A 359 0.96 17.99 -16.50
C ALA A 359 1.28 16.80 -15.60
N ALA A 360 1.55 17.04 -14.33
CA ALA A 360 1.89 15.95 -13.42
C ALA A 360 0.74 14.96 -13.29
N LEU A 361 -0.49 15.45 -13.15
CA LEU A 361 -1.62 14.55 -12.97
C LEU A 361 -1.96 13.81 -14.26
N ALA A 362 -1.85 14.49 -15.40
CA ALA A 362 -2.14 13.85 -16.67
C ALA A 362 -1.20 12.68 -16.93
N ALA A 363 0.10 12.90 -16.71
CA ALA A 363 1.07 11.83 -16.93
C ALA A 363 0.90 10.71 -15.89
N ALA A 364 0.58 11.06 -14.65
CA ALA A 364 0.34 10.04 -13.64
C ALA A 364 -0.92 9.24 -13.95
N GLN A 365 -1.93 9.90 -14.51
CA GLN A 365 -3.14 9.20 -14.95
C GLN A 365 -2.80 8.16 -16.00
N THR A 366 -1.99 8.54 -17.00
CA THR A 366 -1.66 7.62 -18.08
C THR A 366 -0.89 6.41 -17.57
N ASN A 367 0.05 6.63 -16.65
CA ASN A 367 0.88 5.53 -16.16
C ASN A 367 0.09 4.62 -15.23
N ALA A 368 -0.70 5.21 -14.32
CA ALA A 368 -1.44 4.40 -13.35
C ALA A 368 -2.53 3.57 -14.03
N ALA A 369 -3.13 4.08 -15.10
CA ALA A 369 -4.17 3.37 -15.83
C ALA A 369 -3.61 2.45 -16.91
N ALA A 370 -2.28 2.29 -16.96
CA ALA A 370 -1.66 1.43 -17.96
C ALA A 370 -1.59 -0.01 -17.47
N PHE B 1 -3.26 -0.15 -20.06
CA PHE B 1 -3.47 -1.56 -20.30
C PHE B 1 -2.29 -2.12 -21.09
N HIS B 2 -1.83 -3.31 -20.72
CA HIS B 2 -0.66 -3.92 -21.34
C HIS B 2 -1.09 -5.03 -22.29
N GLN B 3 -0.52 -5.03 -23.49
CA GLN B 3 -0.79 -6.08 -24.46
C GLN B 3 -0.24 -7.42 -23.96
N GLU B 4 -0.93 -8.50 -24.33
CA GLU B 4 -0.47 -9.85 -24.03
C GLU B 4 0.46 -10.40 -25.11
N CYS B 5 0.32 -9.90 -26.33
CA CYS B 5 1.06 -10.39 -27.48
C CYS B 5 1.83 -9.24 -28.12
N SER B 6 2.95 -9.57 -28.75
CA SER B 6 3.79 -8.60 -29.43
C SER B 6 4.24 -9.20 -30.75
N LEU B 7 3.72 -8.68 -31.85
CA LEU B 7 4.00 -9.20 -33.18
C LEU B 7 5.08 -8.35 -33.84
N GLN B 8 6.19 -8.97 -34.20
CA GLN B 8 7.36 -8.26 -34.69
C GLN B 8 7.88 -8.90 -35.97
N SER B 9 8.60 -8.10 -36.75
CA SER B 9 9.06 -8.48 -38.08
C SER B 9 10.58 -8.46 -38.12
N CYS B 10 11.18 -9.55 -38.63
CA CYS B 10 12.63 -9.59 -38.82
C CYS B 10 12.97 -10.51 -39.97
N THR B 11 14.16 -10.31 -40.53
CA THR B 11 14.67 -11.15 -41.59
C THR B 11 15.15 -12.47 -41.01
N GLN B 12 14.58 -13.57 -41.47
CA GLN B 12 14.84 -14.87 -40.87
C GLN B 12 16.33 -15.22 -40.91
N HIS B 13 16.80 -15.86 -39.85
CA HIS B 13 18.17 -16.39 -39.75
C HIS B 13 19.23 -15.30 -39.85
N GLN B 14 18.92 -14.12 -39.35
CA GLN B 14 19.85 -13.00 -39.24
C GLN B 14 19.65 -12.34 -37.90
N PRO B 15 20.69 -11.67 -37.38
CA PRO B 15 20.55 -11.01 -36.06
C PRO B 15 19.40 -10.02 -36.04
N TYR B 16 18.75 -9.93 -34.88
CA TYR B 16 17.61 -9.03 -34.72
C TYR B 16 17.53 -8.58 -33.27
N VAL B 17 17.68 -7.28 -33.05
CA VAL B 17 17.48 -6.71 -31.72
C VAL B 17 15.97 -6.65 -31.46
N VAL B 18 15.51 -7.42 -30.48
CA VAL B 18 14.08 -7.51 -30.20
C VAL B 18 13.58 -6.16 -29.68
N ASP B 19 12.48 -5.68 -30.24
CA ASP B 19 11.79 -4.51 -29.70
C ASP B 19 11.18 -4.88 -28.36
N ASP B 20 11.65 -4.25 -27.29
CA ASP B 20 11.22 -4.59 -25.94
C ASP B 20 9.79 -4.15 -25.71
N PRO B 21 8.86 -5.06 -25.41
CA PRO B 21 7.46 -4.65 -25.18
C PRO B 21 7.16 -4.21 -23.75
N CYS B 22 8.11 -4.34 -22.83
CA CYS B 22 7.84 -3.95 -21.46
C CYS B 22 7.79 -2.44 -21.35
N PRO B 23 6.88 -1.90 -20.53
CA PRO B 23 6.81 -0.44 -20.38
C PRO B 23 8.05 0.09 -19.69
N ILE B 24 8.26 1.40 -19.85
CA ILE B 24 9.31 2.07 -19.10
C ILE B 24 9.04 1.87 -17.60
N HIS B 25 10.12 1.79 -16.82
CA HIS B 25 10.07 1.51 -15.38
C HIS B 25 9.61 0.09 -15.07
N PHE B 26 9.78 -0.83 -16.02
CA PHE B 26 9.60 -2.26 -15.79
C PHE B 26 10.88 -2.97 -16.21
N TYR B 27 11.28 -3.98 -15.43
CA TYR B 27 12.43 -4.80 -15.80
C TYR B 27 12.00 -5.88 -16.79
N SER B 28 12.84 -6.11 -17.80
CA SER B 28 12.58 -7.13 -18.80
C SER B 28 13.50 -8.33 -18.56
N LYS B 29 12.91 -9.51 -18.50
CA LYS B 29 13.65 -10.76 -18.42
C LYS B 29 13.05 -11.76 -19.39
N TRP B 30 13.89 -12.34 -20.24
CA TRP B 30 13.42 -13.14 -21.37
C TRP B 30 13.48 -14.61 -21.04
N TYR B 31 12.43 -15.35 -21.44
CA TYR B 31 12.29 -16.77 -21.17
C TYR B 31 11.83 -17.49 -22.42
N ILE B 32 11.95 -18.82 -22.38
CA ILE B 32 11.25 -19.71 -23.29
C ILE B 32 10.30 -20.56 -22.44
N ARG B 33 9.01 -20.49 -22.75
CA ARG B 33 8.03 -21.37 -22.12
C ARG B 33 8.02 -22.68 -22.89
N VAL B 34 8.42 -23.77 -22.23
CA VAL B 34 8.63 -25.05 -22.91
C VAL B 34 7.36 -25.47 -23.64
N GLY B 35 7.51 -25.80 -24.92
CA GLY B 35 6.42 -26.26 -25.74
C GLY B 35 5.25 -25.31 -25.85
N ALA B 36 5.48 -24.03 -25.49
CA ALA B 36 4.42 -23.03 -25.43
C ALA B 36 3.25 -23.49 -24.58
N ARG B 37 3.52 -24.36 -23.61
CA ARG B 37 2.50 -24.86 -22.70
C ARG B 37 2.60 -24.10 -21.39
N LYS B 38 1.49 -23.45 -21.00
CA LYS B 38 1.54 -22.55 -19.84
C LYS B 38 1.85 -23.29 -18.55
N SER B 39 1.55 -24.58 -18.49
CA SER B 39 1.87 -25.39 -17.31
C SER B 39 3.30 -25.90 -17.31
N ALA B 40 4.03 -25.72 -18.40
CA ALA B 40 5.42 -26.15 -18.51
C ALA B 40 6.34 -25.10 -17.90
N PRO B 41 7.61 -25.43 -17.67
CA PRO B 41 8.51 -24.48 -17.01
C PRO B 41 8.98 -23.37 -17.95
N LEU B 42 9.49 -22.31 -17.31
CA LEU B 42 10.15 -21.21 -17.99
C LEU B 42 11.66 -21.44 -17.97
N ILE B 43 12.30 -21.36 -19.14
CA ILE B 43 13.74 -21.45 -19.25
C ILE B 43 14.30 -20.04 -19.44
N GLU B 44 15.11 -19.58 -18.50
CA GLU B 44 15.69 -18.25 -18.62
C GLU B 44 16.79 -18.26 -19.68
N LEU B 45 16.74 -17.27 -20.57
CA LEU B 45 17.70 -17.16 -21.65
C LEU B 45 18.96 -16.40 -21.25
N CYS B 46 18.91 -15.67 -20.13
CA CYS B 46 20.01 -14.83 -19.68
C CYS B 46 20.14 -15.03 -18.18
N VAL B 47 21.11 -15.85 -17.77
CA VAL B 47 21.27 -16.21 -16.37
C VAL B 47 21.90 -15.04 -15.63
N ASP B 48 21.09 -14.36 -14.80
CA ASP B 48 21.59 -13.30 -13.94
C ASP B 48 21.97 -13.84 -12.57
N GLU B 49 21.02 -14.47 -11.88
CA GLU B 49 21.29 -15.06 -10.57
C GLU B 49 20.60 -16.42 -10.43
N SER B 54 17.11 -22.44 -6.73
CA SER B 54 17.54 -21.85 -8.00
C SER B 54 18.58 -22.72 -8.70
N PRO B 55 18.15 -23.86 -9.25
CA PRO B 55 19.11 -24.78 -9.87
C PRO B 55 19.30 -24.54 -11.36
N ILE B 56 20.49 -24.11 -11.75
CA ILE B 56 20.83 -23.89 -13.15
C ILE B 56 21.32 -25.20 -13.74
N GLN B 57 20.80 -25.55 -14.91
CA GLN B 57 21.24 -26.76 -15.61
C GLN B 57 21.56 -26.43 -17.06
N TYR B 58 22.49 -27.19 -17.63
CA TYR B 58 22.87 -26.99 -19.02
C TYR B 58 21.71 -27.34 -19.94
N ILE B 59 21.33 -26.38 -20.79
CA ILE B 59 20.36 -26.61 -21.87
C ILE B 59 20.92 -25.95 -23.12
N ASP B 60 21.12 -26.73 -24.17
CA ASP B 60 21.64 -26.20 -25.43
C ASP B 60 20.54 -25.38 -26.10
N ILE B 61 20.66 -24.05 -26.01
CA ILE B 61 19.80 -23.14 -26.76
C ILE B 61 20.34 -22.89 -28.17
N GLY B 62 21.50 -23.43 -28.50
CA GLY B 62 22.02 -23.31 -29.85
C GLY B 62 22.45 -21.89 -30.17
N ASN B 63 22.11 -21.45 -31.38
CA ASN B 63 22.48 -20.13 -31.89
C ASN B 63 21.43 -19.07 -31.58
N TYR B 64 20.43 -19.40 -30.77
CA TYR B 64 19.24 -18.55 -30.68
C TYR B 64 19.58 -17.16 -30.17
N THR B 65 20.29 -17.07 -29.05
CA THR B 65 20.52 -15.80 -28.36
C THR B 65 21.87 -15.23 -28.76
N VAL B 66 21.83 -14.16 -29.57
CA VAL B 66 23.07 -13.52 -30.00
C VAL B 66 23.66 -12.70 -28.85
N SER B 67 22.82 -12.04 -28.07
CA SER B 67 23.27 -11.20 -26.98
C SER B 67 22.13 -11.02 -25.99
N CYS B 68 22.49 -10.83 -24.73
CA CYS B 68 21.50 -10.57 -23.69
C CYS B 68 21.31 -9.08 -23.42
N LEU B 69 22.31 -8.25 -23.76
CA LEU B 69 22.24 -6.81 -23.55
C LEU B 69 22.88 -6.13 -24.75
N PRO B 70 22.06 -5.61 -25.69
CA PRO B 70 20.60 -5.68 -25.68
C PRO B 70 20.13 -7.06 -26.13
N PHE B 71 18.90 -7.44 -25.77
CA PHE B 71 18.44 -8.77 -26.10
C PHE B 71 18.33 -8.91 -27.62
N THR B 72 19.12 -9.83 -28.18
CA THR B 72 19.26 -9.99 -29.62
C THR B 72 19.21 -11.47 -29.93
N ILE B 73 18.34 -11.85 -30.87
CA ILE B 73 18.19 -13.24 -31.26
C ILE B 73 18.58 -13.38 -32.72
N ASN B 74 19.01 -14.57 -33.09
CA ASN B 74 18.97 -14.96 -34.49
C ASN B 74 17.52 -15.20 -34.87
N CYS B 75 17.00 -14.38 -35.77
CA CYS B 75 15.57 -14.26 -36.01
C CYS B 75 14.95 -15.58 -36.47
N GLN B 76 14.17 -16.20 -35.58
CA GLN B 76 13.61 -17.53 -35.78
C GLN B 76 12.64 -17.82 -34.65
N GLU B 77 11.74 -18.78 -34.89
CA GLU B 77 10.94 -19.32 -33.80
C GLU B 77 11.80 -20.29 -32.99
N PRO B 78 11.78 -20.19 -31.66
CA PRO B 78 12.62 -21.09 -30.86
C PRO B 78 12.10 -22.52 -30.92
N LYS B 79 13.02 -23.48 -30.99
CA LYS B 79 12.62 -24.89 -31.05
C LYS B 79 11.99 -25.34 -29.74
N LEU B 80 12.51 -24.84 -28.61
CA LEU B 80 12.08 -25.32 -27.30
C LEU B 80 10.69 -24.83 -26.92
N GLY B 81 10.18 -23.78 -27.54
CA GLY B 81 8.86 -23.30 -27.21
C GLY B 81 8.72 -21.83 -27.58
N SER B 82 7.80 -21.17 -26.90
CA SER B 82 7.47 -19.78 -27.20
C SER B 82 8.41 -18.83 -26.48
N LEU B 83 8.68 -17.69 -27.12
CA LEU B 83 9.48 -16.64 -26.52
C LEU B 83 8.59 -15.74 -25.67
N VAL B 84 8.97 -15.56 -24.40
CA VAL B 84 8.21 -14.77 -23.45
C VAL B 84 9.15 -13.82 -22.73
N VAL B 85 8.71 -12.57 -22.56
CA VAL B 85 9.38 -11.62 -21.70
C VAL B 85 8.47 -11.32 -20.52
N ARG B 86 9.02 -11.36 -19.32
CA ARG B 86 8.29 -11.00 -18.11
C ARG B 86 8.67 -9.56 -17.74
N CYS B 87 7.66 -8.70 -17.63
CA CYS B 87 7.86 -7.30 -17.29
C CYS B 87 7.55 -7.10 -15.81
N SER B 88 8.58 -6.73 -15.03
CA SER B 88 8.46 -6.60 -13.58
C SER B 88 8.64 -5.15 -13.18
N PHE B 89 7.67 -4.61 -12.45
CA PHE B 89 7.68 -3.20 -12.08
C PHE B 89 8.87 -2.89 -11.17
N TYR B 90 9.53 -1.76 -11.45
CA TYR B 90 10.73 -1.37 -10.71
C TYR B 90 10.49 -1.36 -9.20
N GLU B 91 9.38 -0.76 -8.76
CA GLU B 91 9.13 -0.58 -7.33
C GLU B 91 8.52 -1.80 -6.66
N ASP B 92 8.14 -2.83 -7.40
CA ASP B 92 7.44 -3.97 -6.82
C ASP B 92 7.50 -5.12 -7.80
N PHE B 93 8.31 -6.14 -7.49
CA PHE B 93 8.43 -7.29 -8.37
C PHE B 93 7.18 -8.16 -8.40
N LEU B 94 6.24 -7.93 -7.49
CA LEU B 94 4.99 -8.70 -7.51
C LEU B 94 4.00 -8.18 -8.55
N GLU B 95 4.16 -6.94 -9.01
CA GLU B 95 3.37 -6.44 -10.14
C GLU B 95 4.14 -6.75 -11.42
N TYR B 96 3.68 -7.77 -12.13
CA TYR B 96 4.36 -8.20 -13.34
C TYR B 96 3.34 -8.66 -14.36
N HIS B 97 3.75 -8.67 -15.63
CA HIS B 97 2.93 -9.23 -16.69
C HIS B 97 3.85 -9.81 -17.76
N ASP B 98 3.33 -10.83 -18.45
CA ASP B 98 4.07 -11.53 -19.49
C ASP B 98 3.60 -11.07 -20.86
N VAL B 99 4.54 -10.90 -21.78
CA VAL B 99 4.25 -10.61 -23.18
C VAL B 99 4.87 -11.72 -24.03
N ARG B 100 4.04 -12.34 -24.86
CA ARG B 100 4.54 -13.30 -25.84
C ARG B 100 4.98 -12.57 -27.10
N VAL B 101 6.18 -12.89 -27.58
CA VAL B 101 6.73 -12.28 -28.78
C VAL B 101 6.60 -13.26 -29.94
N VAL B 102 6.01 -12.79 -31.04
CA VAL B 102 5.73 -13.61 -32.21
C VAL B 102 6.34 -12.92 -33.42
N LEU B 103 7.02 -13.70 -34.26
CA LEU B 103 7.80 -13.16 -35.37
C LEU B 103 7.11 -13.43 -36.70
N ASP B 104 6.93 -12.38 -37.48
CA ASP B 104 6.64 -12.48 -38.89
C ASP B 104 7.94 -12.32 -39.66
N PHE B 105 8.24 -13.30 -40.52
CA PHE B 105 9.48 -13.25 -41.28
C PHE B 105 9.30 -12.43 -42.55
N ILE B 106 10.26 -11.55 -42.83
CA ILE B 106 10.17 -10.65 -43.96
C ILE B 106 10.37 -11.42 -45.27
C1 GLC C . 0.58 4.25 7.67
C2 GLC C . -0.60 3.40 7.20
C3 GLC C . -0.37 2.84 5.80
C4 GLC C . 0.06 3.95 4.84
C5 GLC C . 1.23 4.73 5.44
C6 GLC C . 1.63 5.87 4.52
O1 GLC C . 1.71 3.44 7.89
O2 GLC C . -0.81 2.33 8.10
O3 GLC C . -1.55 2.22 5.34
O4 GLC C . 0.45 3.41 3.59
O5 GLC C . 0.87 5.25 6.71
O6 GLC C . 3.02 6.10 4.65
C1 GLC C . -0.48 3.47 2.54
C2 GLC C . -0.54 2.11 1.87
C3 GLC C . 0.82 1.79 1.29
C4 GLC C . 1.18 2.88 0.28
C5 GLC C . 1.11 4.27 0.92
C6 GLC C . 1.24 5.31 -0.18
O2 GLC C . -0.93 1.12 2.81
O3 GLC C . 0.82 0.53 0.68
O4 GLC C . 2.49 2.66 -0.22
O5 GLC C . -0.13 4.47 1.59
O6 GLC C . 1.56 6.56 0.38
O1 MES D . 6.84 42.47 16.86
C2 MES D . 7.16 41.46 17.81
C3 MES D . 5.93 40.97 18.56
N4 MES D . 4.88 40.83 17.55
C5 MES D . 4.45 42.04 16.86
C6 MES D . 5.56 43.07 17.03
C7 MES D . 3.93 39.73 17.65
C8 MES D . 4.27 39.01 18.96
S MES D . 3.07 37.96 19.44
O1S MES D . 2.04 37.83 18.39
O2S MES D . 2.49 38.49 20.69
O3S MES D . 3.68 36.65 19.72
S SO4 E . 5.15 11.79 -13.85
O1 SO4 E . 5.28 10.50 -14.52
O2 SO4 E . 4.04 11.75 -12.90
O3 SO4 E . 6.38 12.07 -13.11
O4 SO4 E . 4.93 12.84 -14.84
S SO4 F . 15.72 -5.41 11.23
O1 SO4 F . 15.66 -5.78 9.82
O2 SO4 F . 15.11 -6.46 12.04
O3 SO4 F . 17.12 -5.23 11.62
O4 SO4 F . 15.00 -4.15 11.42
S SO4 G . -16.61 2.98 5.67
O1 SO4 G . -17.57 4.04 5.38
O2 SO4 G . -17.31 1.69 5.68
O3 SO4 G . -15.58 2.96 4.64
O4 SO4 G . -16.00 3.21 6.97
C1 NAG H . 20.56 -21.41 -36.25
C2 NAG H . 20.82 -21.05 -37.71
C3 NAG H . 19.64 -21.48 -38.58
C4 NAG H . 19.31 -22.96 -38.35
C5 NAG H . 19.15 -23.25 -36.85
C6 NAG H . 19.01 -24.72 -36.57
C7 NAG H . 22.28 -19.09 -38.01
C8 NAG H . 23.43 -20.05 -38.01
N2 NAG H . 21.06 -19.62 -37.86
O3 NAG H . 19.98 -21.27 -39.95
O4 NAG H . 18.11 -23.29 -39.02
O5 NAG H . 20.30 -22.80 -36.13
O6 NAG H . 17.65 -25.14 -36.55
O7 NAG H . 22.45 -17.88 -38.13
N NNH I . 7.31 -12.22 -10.99
CA NNH I . 7.59 -13.59 -10.62
C NNH I . 7.38 -13.75 -9.11
O NNH I . 6.40 -14.64 -8.79
CB NNH I . 9.02 -14.07 -10.94
CG NNH I . 8.99 -15.57 -11.24
ND NNH I . 10.16 -16.02 -11.98
CE NNH I . 10.29 -17.38 -12.41
NH1 NNH I . 9.13 -18.21 -12.00
NH2 NNH I . 11.34 -17.80 -13.07
OH1 NNH I . 9.03 -19.51 -12.27
OXT NNH I . 7.97 -13.20 -8.18
S SO4 J . 5.32 -19.25 -13.87
O1 SO4 J . 4.48 -18.30 -14.60
O2 SO4 J . 4.53 -19.91 -12.83
O3 SO4 J . 5.83 -20.25 -14.80
O4 SO4 J . 6.44 -18.54 -13.25
S SO4 K . 0.87 -5.08 -14.55
O1 SO4 K . 0.26 -5.40 -15.85
O2 SO4 K . 0.18 -5.83 -13.50
O3 SO4 K . 2.28 -5.46 -14.57
O4 SO4 K . 0.75 -3.65 -14.29
#